data_3HZT
#
_entry.id   3HZT
#
_cell.length_a   71.051
_cell.length_b   43.761
_cell.length_c   84.821
_cell.angle_alpha   90.000
_cell.angle_beta   96.950
_cell.angle_gamma   90.000
#
_symmetry.space_group_name_H-M   'P 1 21 1'
#
loop_
_entity.id
_entity.type
_entity.pdbx_description
1 polymer 'Calcium-dependent protein kinase 3'
2 non-polymer 'MAGNESIUM ION'
3 non-polymer GLYCEROL
4 non-polymer 5-[(E)-(5-CHLORO-2-OXO-1,2-DIHYDRO-3H-INDOL-3-YLIDENE)METHYL]-N-[2-(DIETHYLAMINO)ETHYL]-2,4-DIMETHYL-1H-PYRROLE-3-CARBOXAMIDE
5 water water
#
_entity_poly.entity_id   1
_entity_poly.type   'polypeptide(L)'
_entity_poly.pdbx_seq_one_letter_code
;GLSDRYQRVKKLGSGAYGEVLLCKDKLTGAERAIKIIKKSSVTTTSNSGALLDEVAVLKQLDHPNIMKLYEFFEDKRNYY
LVMEVYRGGELFDEIILRQKFSEVDAAVIMKQVLSGTTYLHKHNIVHRDLKPENLLLESKSRDALIKIVDFGLSAHFEVG
GKMKERLGTAYYIAPEVLRKKYDEKCDVWSCGVILYILLCGYPPFGGQTDQEILKRVEKGKFSFDPPDWTQVSDEAKQLV
KLMLTYEPSKRISAEEALNHPWIVKFCSQKHTDVGKHALTGALGNMKKFQSSQKLAQAAMLFMGSKLTTLEETKELTQIF
RQLDNNGDGQLDRKELIEGYRKLMQWKGDTVSDLDSSQIEAEVDHILQSVDFDRNGYIEYSEFVTVCMDKQLLLSRERLL
AAFQQFDSDGSGKITNEELGRLFGVTEVDDETWHQVLQECDKNNDGEVDFEEFVEMMQKICDVKVKH
;
_entity_poly.pdbx_strand_id   A
#
# COMPACT_ATOMS: atom_id res chain seq x y z
N SER A 3 6.37 25.73 10.90
CA SER A 3 5.22 26.69 11.07
C SER A 3 3.96 25.94 11.52
N ASP A 4 4.17 24.79 12.16
CA ASP A 4 3.07 23.90 12.51
C ASP A 4 3.38 23.01 13.74
N ARG A 5 2.67 21.89 13.83
CA ARG A 5 2.70 21.03 14.99
C ARG A 5 3.48 19.74 14.73
N TYR A 6 3.61 19.37 13.46
CA TYR A 6 4.20 18.08 13.13
C TYR A 6 5.54 18.20 12.45
N GLN A 7 6.41 17.25 12.76
CA GLN A 7 7.71 17.14 12.13
C GLN A 7 7.74 15.85 11.30
N ARG A 8 7.94 16.01 10.00
CA ARG A 8 8.07 14.88 9.08
CA ARG A 8 8.11 14.91 9.05
C ARG A 8 9.27 13.99 9.46
N VAL A 9 9.02 12.69 9.51
CA VAL A 9 10.07 11.71 9.83
C VAL A 9 10.49 10.98 8.56
N LYS A 10 9.51 10.40 7.87
CA LYS A 10 9.72 9.70 6.60
C LYS A 10 8.39 9.40 5.90
N LYS A 11 8.47 9.00 4.64
CA LYS A 11 7.30 8.53 3.90
C LYS A 11 6.95 7.11 4.34
N LEU A 12 5.68 6.88 4.64
CA LEU A 12 5.22 5.53 4.94
C LEU A 12 4.80 4.83 3.67
N GLY A 13 4.18 5.58 2.76
CA GLY A 13 3.67 5.03 1.52
C GLY A 13 2.61 5.93 0.92
N SER A 14 1.69 5.31 0.19
CA SER A 14 0.69 6.03 -0.56
C SER A 14 -0.70 5.63 -0.10
N GLY A 15 -1.66 6.53 -0.26
CA GLY A 15 -3.04 6.19 -0.07
C GLY A 15 -3.85 6.90 -1.13
N ALA A 16 -5.15 6.68 -1.12
CA ALA A 16 -6.05 7.37 -2.03
C ALA A 16 -5.81 8.89 -1.93
N TYR A 17 -5.54 9.52 -3.09
CA TYR A 17 -5.49 10.99 -3.23
C TYR A 17 -4.18 11.64 -2.79
N GLY A 18 -3.34 10.93 -2.03
CA GLY A 18 -2.03 11.49 -1.65
C GLY A 18 -1.07 10.61 -0.87
N GLU A 19 0.10 11.16 -0.56
CA GLU A 19 1.14 10.45 0.19
C GLU A 19 0.87 10.45 1.69
N VAL A 20 1.36 9.40 2.35
CA VAL A 20 1.22 9.22 3.78
C VAL A 20 2.58 9.30 4.44
N LEU A 21 2.72 10.28 5.34
CA LEU A 21 3.98 10.49 6.02
C LEU A 21 3.91 10.11 7.46
N LEU A 22 4.99 9.49 7.94
CA LEU A 22 5.21 9.33 9.36
C LEU A 22 5.74 10.66 9.87
N CYS A 23 5.04 11.22 10.84
CA CYS A 23 5.41 12.51 11.40
C CYS A 23 5.41 12.43 12.91
N LYS A 24 6.20 13.31 13.53
CA LYS A 24 6.23 13.39 14.99
C LYS A 24 5.36 14.58 15.39
N ASP A 25 4.50 14.35 16.37
CA ASP A 25 3.73 15.44 16.95
C ASP A 25 4.63 16.14 17.96
N LYS A 26 5.06 17.35 17.64
CA LYS A 26 5.94 18.15 18.51
C LYS A 26 5.37 18.36 19.91
N LEU A 27 4.06 18.37 20.06
CA LEU A 27 3.47 18.56 21.37
C LEU A 27 3.80 17.42 22.32
N THR A 28 3.31 16.22 22.00
CA THR A 28 3.45 15.07 22.89
C THR A 28 4.61 14.14 22.55
N GLY A 29 5.21 14.31 21.38
CA GLY A 29 6.24 13.39 20.90
C GLY A 29 5.72 12.14 20.20
N ALA A 30 4.39 12.00 20.10
CA ALA A 30 3.76 10.81 19.50
C ALA A 30 3.86 10.79 17.99
N GLU A 31 4.00 9.60 17.41
CA GLU A 31 4.05 9.49 15.96
C GLU A 31 2.63 9.38 15.40
N ARG A 32 2.42 10.00 14.24
CA ARG A 32 1.14 9.96 13.53
C ARG A 32 1.38 9.66 12.05
N ALA A 33 0.39 9.08 11.41
CA ALA A 33 0.43 8.90 9.96
C ALA A 33 -0.40 10.04 9.39
N ILE A 34 0.22 10.85 8.56
CA ILE A 34 -0.44 12.03 8.04
C ILE A 34 -0.51 11.93 6.52
N LYS A 35 -1.74 11.92 5.99
CA LYS A 35 -1.96 11.99 4.57
C LYS A 35 -2.06 13.45 4.14
N ILE A 36 -1.33 13.79 3.08
CA ILE A 36 -1.41 15.09 2.46
C ILE A 36 -2.04 14.94 1.10
N ILE A 37 -3.19 15.57 0.93
CA ILE A 37 -3.81 15.67 -0.38
C ILE A 37 -3.56 17.06 -0.96
N LYS A 38 -2.65 17.17 -1.94
CA LYS A 38 -2.38 18.42 -2.66
C LYS A 38 -3.63 18.79 -3.45
N LYS A 39 -4.17 19.98 -3.18
CA LYS A 39 -5.44 20.41 -3.76
C LYS A 39 -5.41 20.45 -5.29
N SER A 40 -4.22 20.69 -5.85
CA SER A 40 -4.04 20.73 -7.29
C SER A 40 -4.23 19.35 -7.94
N SER A 41 -3.97 18.30 -7.16
CA SER A 41 -4.05 16.93 -7.67
C SER A 41 -5.45 16.33 -7.66
N VAL A 42 -6.43 17.10 -7.20
CA VAL A 42 -7.80 16.59 -7.16
C VAL A 42 -8.79 17.58 -7.77
N THR A 43 -9.85 17.03 -8.35
CA THR A 43 -11.04 17.79 -8.72
C THR A 43 -12.11 17.55 -7.64
N THR A 44 -12.69 18.64 -7.14
CA THR A 44 -13.75 18.53 -6.15
C THR A 44 -15.09 18.28 -6.82
N THR A 45 -15.71 17.17 -6.48
CA THR A 45 -16.95 16.73 -7.13
C THR A 45 -18.18 17.06 -6.29
N SER A 46 -17.93 17.64 -5.13
CA SER A 46 -19.00 18.11 -4.28
C SER A 46 -18.69 19.57 -3.91
N ASN A 47 -18.86 19.94 -2.65
CA ASN A 47 -18.58 21.29 -2.22
C ASN A 47 -17.99 21.22 -0.81
N SER A 48 -17.52 22.35 -0.29
CA SER A 48 -16.81 22.36 0.98
C SER A 48 -17.66 21.87 2.14
N GLY A 49 -18.96 22.16 2.13
CA GLY A 49 -19.82 21.74 3.23
C GLY A 49 -20.04 20.23 3.25
N ALA A 50 -20.32 19.65 2.07
CA ALA A 50 -20.44 18.20 1.92
C ALA A 50 -19.14 17.47 2.34
N LEU A 51 -18.00 17.98 1.87
CA LEU A 51 -16.70 17.43 2.22
C LEU A 51 -16.51 17.46 3.74
N LEU A 52 -16.67 18.65 4.33
CA LEU A 52 -16.48 18.78 5.76
C LEU A 52 -17.50 17.97 6.58
N ASP A 53 -18.67 17.71 6.00
CA ASP A 53 -19.66 16.83 6.66
C ASP A 53 -19.12 15.39 6.80
N GLU A 54 -18.57 14.85 5.72
CA GLU A 54 -17.96 13.52 5.78
C GLU A 54 -16.77 13.51 6.77
N VAL A 55 -15.96 14.55 6.75
CA VAL A 55 -14.81 14.64 7.66
C VAL A 55 -15.24 14.51 9.11
N ALA A 56 -16.37 15.15 9.46
CA ALA A 56 -16.91 15.11 10.80
C ALA A 56 -17.38 13.69 11.17
N VAL A 57 -17.98 12.99 10.21
CA VAL A 57 -18.30 11.57 10.40
C VAL A 57 -17.02 10.71 10.57
N LEU A 58 -16.02 10.96 9.72
CA LEU A 58 -14.78 10.23 9.78
C LEU A 58 -14.11 10.41 11.17
N LYS A 59 -14.17 11.63 11.72
CA LYS A 59 -13.60 11.93 13.03
C LYS A 59 -14.31 11.21 14.16
N GLN A 60 -15.56 10.84 13.93
CA GLN A 60 -16.36 10.16 14.93
C GLN A 60 -16.30 8.65 14.89
N LEU A 61 -15.64 8.09 13.87
CA LEU A 61 -15.56 6.63 13.77
C LEU A 61 -14.73 6.03 14.90
N ASP A 62 -15.37 5.18 15.71
CA ASP A 62 -14.66 4.57 16.83
C ASP A 62 -15.05 3.10 16.92
N HIS A 63 -14.27 2.26 16.24
CA HIS A 63 -14.58 0.83 16.14
C HIS A 63 -13.22 0.12 16.18
N PRO A 64 -13.15 -1.05 16.87
CA PRO A 64 -11.86 -1.75 17.00
C PRO A 64 -11.17 -2.09 15.68
N ASN A 65 -11.94 -2.21 14.60
CA ASN A 65 -11.38 -2.61 13.28
C ASN A 65 -11.30 -1.46 12.28
N ILE A 66 -11.44 -0.23 12.79
CA ILE A 66 -11.49 0.96 11.93
C ILE A 66 -10.43 1.98 12.35
N MET A 67 -9.65 2.41 11.36
CA MET A 67 -8.69 3.49 11.49
C MET A 67 -9.29 4.69 12.25
N LYS A 68 -8.54 5.23 13.20
CA LYS A 68 -8.97 6.46 13.87
CA LYS A 68 -8.93 6.45 13.90
C LYS A 68 -8.32 7.68 13.20
N LEU A 69 -9.15 8.71 13.03
CA LEU A 69 -8.72 9.97 12.47
C LEU A 69 -8.68 11.01 13.60
N TYR A 70 -7.51 11.61 13.81
CA TYR A 70 -7.35 12.54 14.94
C TYR A 70 -7.70 13.97 14.55
N GLU A 71 -7.19 14.40 13.39
CA GLU A 71 -7.29 15.78 12.93
C GLU A 71 -7.51 15.84 11.43
N PHE A 72 -8.28 16.85 11.02
CA PHE A 72 -8.37 17.27 9.63
C PHE A 72 -8.16 18.76 9.56
N PHE A 73 -7.15 19.19 8.81
CA PHE A 73 -6.98 20.62 8.57
C PHE A 73 -6.47 20.89 7.17
N GLU A 74 -6.42 22.17 6.83
CA GLU A 74 -6.08 22.57 5.48
C GLU A 74 -5.51 23.97 5.43
N ASP A 75 -4.85 24.24 4.31
CA ASP A 75 -4.34 25.56 4.03
C ASP A 75 -4.57 25.77 2.53
N LYS A 76 -3.89 26.77 1.96
CA LYS A 76 -4.11 27.08 0.56
C LYS A 76 -3.72 25.93 -0.37
N ARG A 77 -2.63 25.23 -0.04
CA ARG A 77 -2.10 24.18 -0.91
CA ARG A 77 -2.08 24.18 -0.89
C ARG A 77 -2.67 22.77 -0.67
N ASN A 78 -2.89 22.41 0.60
CA ASN A 78 -3.17 20.99 0.97
C ASN A 78 -4.35 20.75 1.91
N TYR A 79 -4.90 19.53 1.86
CA TYR A 79 -5.65 18.96 2.98
C TYR A 79 -4.72 18.04 3.76
N TYR A 80 -4.91 17.97 5.07
CA TYR A 80 -4.08 17.11 5.93
C TYR A 80 -4.99 16.25 6.79
N LEU A 81 -4.72 14.95 6.80
CA LEU A 81 -5.44 13.98 7.60
C LEU A 81 -4.44 13.34 8.55
N VAL A 82 -4.67 13.53 9.85
CA VAL A 82 -3.79 13.03 10.89
C VAL A 82 -4.40 11.79 11.48
N MET A 83 -3.71 10.67 11.29
CA MET A 83 -4.23 9.35 11.64
C MET A 83 -3.24 8.56 12.50
N GLU A 84 -3.74 7.51 13.11
CA GLU A 84 -2.96 6.59 13.92
C GLU A 84 -1.97 5.80 13.05
N VAL A 85 -0.79 5.52 13.61
CA VAL A 85 0.19 4.63 12.99
C VAL A 85 -0.05 3.18 13.44
N TYR A 86 -0.10 2.25 12.49
CA TYR A 86 -0.21 0.81 12.78
C TYR A 86 1.08 0.13 12.37
N ARG A 87 1.64 -0.68 13.26
CA ARG A 87 2.99 -1.20 13.04
CA ARG A 87 3.00 -1.19 13.06
C ARG A 87 3.05 -2.72 12.90
N GLY A 88 1.88 -3.36 12.81
CA GLY A 88 1.83 -4.81 12.68
C GLY A 88 2.04 -5.30 11.26
N GLY A 89 2.10 -4.37 10.31
CA GLY A 89 2.21 -4.71 8.89
C GLY A 89 0.88 -5.12 8.25
N GLU A 90 0.94 -5.38 6.95
CA GLU A 90 -0.21 -5.82 6.20
C GLU A 90 -0.63 -7.23 6.60
N LEU A 91 -1.94 -7.42 6.74
CA LEU A 91 -2.49 -8.72 7.07
C LEU A 91 -1.88 -9.93 6.35
N PHE A 92 -1.84 -9.88 5.01
CA PHE A 92 -1.38 -11.01 4.20
C PHE A 92 0.13 -11.30 4.42
N ASP A 93 0.92 -10.27 4.71
CA ASP A 93 2.35 -10.48 5.02
C ASP A 93 2.53 -11.28 6.30
N GLU A 94 1.57 -11.15 7.23
CA GLU A 94 1.61 -11.91 8.46
CA GLU A 94 1.59 -11.91 8.46
C GLU A 94 1.06 -13.33 8.25
N ILE A 95 -0.01 -13.45 7.47
CA ILE A 95 -0.57 -14.78 7.18
C ILE A 95 0.48 -15.71 6.57
N ILE A 96 1.28 -15.18 5.64
CA ILE A 96 2.25 -16.01 4.91
C ILE A 96 3.50 -16.43 5.73
N LEU A 97 3.55 -16.00 6.99
CA LEU A 97 4.60 -16.44 7.91
C LEU A 97 4.18 -17.71 8.64
N ARG A 98 2.88 -17.99 8.64
CA ARG A 98 2.34 -19.14 9.33
C ARG A 98 2.73 -20.47 8.68
N GLN A 99 2.71 -21.53 9.48
CA GLN A 99 2.88 -22.89 8.95
C GLN A 99 1.54 -23.63 8.80
N LYS A 100 0.52 -23.15 9.51
CA LYS A 100 -0.83 -23.71 9.41
CA LYS A 100 -0.83 -23.71 9.41
C LYS A 100 -1.89 -22.61 9.28
N PHE A 101 -3.02 -22.95 8.66
CA PHE A 101 -4.12 -22.03 8.44
C PHE A 101 -5.37 -22.88 8.26
N SER A 102 -6.46 -22.52 8.91
CA SER A 102 -7.70 -23.26 8.81
C SER A 102 -8.86 -22.32 8.53
N GLU A 103 -10.03 -22.91 8.30
CA GLU A 103 -11.23 -22.11 8.11
C GLU A 103 -11.61 -21.30 9.34
N VAL A 104 -11.27 -21.82 10.53
CA VAL A 104 -11.45 -21.06 11.76
C VAL A 104 -10.66 -19.75 11.72
N ASP A 105 -9.39 -19.84 11.33
CA ASP A 105 -8.51 -18.68 11.21
C ASP A 105 -9.08 -17.70 10.19
N ALA A 106 -9.60 -18.25 9.08
CA ALA A 106 -10.16 -17.44 8.01
C ALA A 106 -11.36 -16.66 8.50
N ALA A 107 -12.23 -17.32 9.25
CA ALA A 107 -13.43 -16.69 9.83
C ALA A 107 -13.13 -15.66 10.90
N VAL A 108 -12.11 -15.91 11.70
CA VAL A 108 -11.70 -14.95 12.74
C VAL A 108 -11.23 -13.64 12.09
N ILE A 109 -10.47 -13.78 11.01
CA ILE A 109 -10.07 -12.63 10.20
C ILE A 109 -11.29 -11.92 9.59
N MET A 110 -12.16 -12.68 8.93
CA MET A 110 -13.26 -12.09 8.17
C MET A 110 -14.31 -11.45 9.07
N LYS A 111 -14.47 -11.98 10.27
CA LYS A 111 -15.41 -11.37 11.23
C LYS A 111 -14.97 -9.95 11.55
N GLN A 112 -13.66 -9.74 11.65
CA GLN A 112 -13.11 -8.41 11.91
C GLN A 112 -13.31 -7.49 10.70
N VAL A 113 -12.96 -7.99 9.51
CA VAL A 113 -13.12 -7.18 8.30
C VAL A 113 -14.59 -6.80 8.09
N LEU A 114 -15.47 -7.76 8.34
CA LEU A 114 -16.91 -7.56 8.15
C LEU A 114 -17.54 -6.70 9.25
N SER A 115 -17.04 -6.81 10.48
CA SER A 115 -17.53 -5.93 11.54
CA SER A 115 -17.50 -5.93 11.56
C SER A 115 -17.14 -4.49 11.23
N GLY A 116 -15.90 -4.27 10.84
CA GLY A 116 -15.49 -2.92 10.45
C GLY A 116 -16.28 -2.39 9.27
N THR A 117 -16.43 -3.22 8.23
CA THR A 117 -17.14 -2.80 7.02
C THR A 117 -18.60 -2.48 7.35
N THR A 118 -19.24 -3.32 8.17
CA THR A 118 -20.62 -3.07 8.63
C THR A 118 -20.70 -1.72 9.37
N TYR A 119 -19.73 -1.45 10.24
CA TYR A 119 -19.67 -0.18 10.96
C TYR A 119 -19.51 1.03 10.03
N LEU A 120 -18.64 0.93 9.03
CA LEU A 120 -18.53 1.99 8.02
C LEU A 120 -19.86 2.28 7.33
N HIS A 121 -20.53 1.23 6.87
CA HIS A 121 -21.75 1.34 6.08
C HIS A 121 -22.89 1.92 6.93
N LYS A 122 -22.95 1.52 8.20
CA LYS A 122 -23.87 2.09 9.17
CA LYS A 122 -23.86 2.10 9.18
C LYS A 122 -23.66 3.61 9.33
N HIS A 123 -22.44 4.09 9.09
CA HIS A 123 -22.16 5.53 9.14
C HIS A 123 -22.14 6.17 7.75
N ASN A 124 -22.74 5.46 6.79
CA ASN A 124 -22.75 5.88 5.38
CA ASN A 124 -22.75 5.83 5.36
C ASN A 124 -21.37 6.20 4.81
N ILE A 125 -20.36 5.47 5.26
CA ILE A 125 -19.00 5.60 4.73
C ILE A 125 -18.76 4.39 3.85
N VAL A 126 -18.21 4.63 2.65
CA VAL A 126 -17.90 3.59 1.70
C VAL A 126 -16.38 3.59 1.51
N HIS A 127 -15.76 2.41 1.56
CA HIS A 127 -14.32 2.33 1.28
C HIS A 127 -14.05 2.54 -0.19
N ARG A 128 -14.65 1.68 -1.02
CA ARG A 128 -14.58 1.83 -2.49
C ARG A 128 -13.27 1.29 -3.11
N ASP A 129 -12.21 1.13 -2.33
CA ASP A 129 -11.00 0.45 -2.87
C ASP A 129 -10.44 -0.54 -1.85
N LEU A 130 -11.32 -1.33 -1.26
CA LEU A 130 -10.91 -2.24 -0.22
C LEU A 130 -10.03 -3.35 -0.80
N LYS A 131 -8.86 -3.55 -0.18
CA LYS A 131 -7.90 -4.52 -0.65
C LYS A 131 -7.03 -4.97 0.52
N PRO A 132 -6.31 -6.10 0.38
CA PRO A 132 -5.55 -6.60 1.53
C PRO A 132 -4.55 -5.62 2.09
N GLU A 133 -3.91 -4.83 1.23
CA GLU A 133 -2.95 -3.85 1.67
CA GLU A 133 -2.95 -3.84 1.67
C GLU A 133 -3.56 -2.79 2.62
N ASN A 134 -4.88 -2.59 2.56
CA ASN A 134 -5.58 -1.68 3.47
C ASN A 134 -6.02 -2.35 4.79
N LEU A 135 -5.58 -3.59 4.97
CA LEU A 135 -5.86 -4.35 6.19
C LEU A 135 -4.55 -4.40 6.99
N LEU A 136 -4.45 -3.50 7.98
CA LEU A 136 -3.20 -3.34 8.73
C LEU A 136 -3.35 -3.92 10.13
N LEU A 137 -2.36 -4.70 10.56
CA LEU A 137 -2.36 -5.18 11.95
C LEU A 137 -1.92 -4.02 12.84
N GLU A 138 -2.63 -3.83 13.94
CA GLU A 138 -2.50 -2.61 14.72
C GLU A 138 -1.10 -2.48 15.31
N SER A 139 -0.56 -3.63 15.75
CA SER A 139 0.80 -3.69 16.26
C SER A 139 1.34 -5.10 16.06
N LYS A 140 2.54 -5.35 16.57
CA LYS A 140 3.10 -6.69 16.61
C LYS A 140 2.57 -7.52 17.77
N SER A 141 1.61 -7.00 18.55
CA SER A 141 1.01 -7.79 19.62
C SER A 141 0.41 -9.08 19.08
N ARG A 142 0.47 -10.13 19.90
CA ARG A 142 -0.07 -11.44 19.56
C ARG A 142 -1.57 -11.30 19.22
N ASP A 143 -2.26 -10.48 19.98
CA ASP A 143 -3.71 -10.34 19.82
C ASP A 143 -4.11 -9.15 18.92
N ALA A 144 -3.18 -8.64 18.13
CA ALA A 144 -3.40 -7.41 17.37
C ALA A 144 -4.67 -7.47 16.49
N LEU A 145 -5.44 -6.38 16.50
CA LEU A 145 -6.64 -6.28 15.68
C LEU A 145 -6.31 -5.89 14.25
N ILE A 146 -7.15 -6.34 13.32
CA ILE A 146 -7.08 -5.85 11.96
C ILE A 146 -7.73 -4.44 11.93
N LYS A 147 -7.01 -3.47 11.38
CA LYS A 147 -7.51 -2.12 11.17
C LYS A 147 -7.69 -1.86 9.66
N ILE A 148 -8.91 -1.53 9.28
CA ILE A 148 -9.16 -1.11 7.90
C ILE A 148 -8.76 0.35 7.79
N VAL A 149 -7.96 0.67 6.79
CA VAL A 149 -7.47 2.03 6.56
C VAL A 149 -7.85 2.49 5.15
N ASP A 150 -7.83 3.80 4.96
CA ASP A 150 -7.89 4.47 3.66
C ASP A 150 -9.28 4.56 3.00
N PHE A 151 -10.34 4.42 3.78
CA PHE A 151 -11.70 4.53 3.25
C PHE A 151 -12.12 6.00 3.16
N GLY A 152 -13.23 6.26 2.48
CA GLY A 152 -13.84 7.58 2.55
C GLY A 152 -13.49 8.55 1.45
N LEU A 153 -14.34 9.57 1.30
CA LEU A 153 -14.06 10.77 0.50
C LEU A 153 -14.21 10.64 -1.00
N SER A 154 -14.57 9.44 -1.47
CA SER A 154 -14.77 9.17 -2.89
C SER A 154 -15.84 10.06 -3.53
N ALA A 155 -16.81 10.53 -2.74
CA ALA A 155 -17.86 11.40 -3.23
C ALA A 155 -17.40 12.85 -3.41
N HIS A 156 -16.20 13.16 -2.93
CA HIS A 156 -15.72 14.54 -2.87
C HIS A 156 -14.49 14.85 -3.71
N PHE A 157 -13.69 13.83 -4.02
CA PHE A 157 -12.48 14.03 -4.84
C PHE A 157 -12.45 13.12 -6.04
N GLU A 158 -11.83 13.61 -7.10
CA GLU A 158 -11.43 12.77 -8.22
C GLU A 158 -10.00 13.12 -8.56
N VAL A 159 -9.16 12.09 -8.76
CA VAL A 159 -7.78 12.31 -9.18
C VAL A 159 -7.74 12.52 -10.69
N GLY A 168 -1.63 -6.14 -8.58
CA GLY A 168 -2.13 -4.81 -8.27
C GLY A 168 -3.46 -4.83 -7.52
N THR A 169 -4.33 -3.88 -7.86
CA THR A 169 -5.58 -3.60 -7.11
C THR A 169 -6.82 -4.03 -7.89
N ALA A 170 -6.60 -4.45 -9.14
CA ALA A 170 -7.68 -4.84 -10.04
C ALA A 170 -8.44 -6.06 -9.56
N TYR A 171 -7.77 -6.94 -8.81
CA TYR A 171 -8.42 -8.16 -8.29
C TYR A 171 -9.68 -7.90 -7.47
N TYR A 172 -9.70 -6.80 -6.72
CA TYR A 172 -10.71 -6.56 -5.65
C TYR A 172 -11.92 -5.68 -6.04
N ILE A 173 -11.84 -5.03 -7.19
CA ILE A 173 -12.83 -3.99 -7.61
C ILE A 173 -14.12 -4.63 -8.12
N ALA A 174 -15.25 -4.23 -7.52
CA ALA A 174 -16.58 -4.66 -7.96
C ALA A 174 -16.90 -4.27 -9.41
N PRO A 175 -17.63 -5.13 -10.15
CA PRO A 175 -17.89 -4.81 -11.57
C PRO A 175 -18.60 -3.45 -11.73
N GLU A 176 -19.50 -3.10 -10.80
CA GLU A 176 -20.23 -1.82 -10.88
C GLU A 176 -19.36 -0.58 -10.70
N VAL A 177 -18.25 -0.72 -9.97
CA VAL A 177 -17.33 0.38 -9.79
C VAL A 177 -16.64 0.70 -11.13
N LEU A 178 -16.35 -0.32 -11.92
CA LEU A 178 -15.79 -0.10 -13.26
C LEU A 178 -16.73 0.77 -14.14
N ARG A 179 -18.04 0.61 -13.95
CA ARG A 179 -19.05 1.43 -14.63
C ARG A 179 -19.37 2.74 -13.91
N LYS A 180 -18.66 3.03 -12.82
CA LYS A 180 -18.84 4.27 -12.05
C LYS A 180 -20.29 4.47 -11.59
N LYS A 181 -20.99 3.38 -11.30
CA LYS A 181 -22.35 3.42 -10.75
C LYS A 181 -22.46 2.43 -9.59
N TYR A 182 -22.11 2.90 -8.39
CA TYR A 182 -21.98 2.02 -7.24
C TYR A 182 -22.54 2.63 -5.96
N ASP A 183 -22.68 1.78 -4.96
CA ASP A 183 -23.00 2.20 -3.60
C ASP A 183 -22.14 1.35 -2.65
N GLU A 184 -22.54 1.23 -1.38
CA GLU A 184 -21.74 0.49 -0.39
C GLU A 184 -21.57 -1.02 -0.67
N LYS A 185 -22.44 -1.59 -1.51
CA LYS A 185 -22.36 -2.99 -1.89
C LYS A 185 -21.03 -3.35 -2.54
N CYS A 186 -20.35 -2.36 -3.13
CA CYS A 186 -19.04 -2.62 -3.74
C CYS A 186 -18.00 -3.16 -2.71
N ASP A 187 -18.10 -2.72 -1.47
CA ASP A 187 -17.20 -3.21 -0.41
C ASP A 187 -17.48 -4.68 -0.08
N VAL A 188 -18.75 -5.09 -0.11
CA VAL A 188 -19.06 -6.51 0.10
C VAL A 188 -18.37 -7.38 -0.96
N TRP A 189 -18.40 -6.92 -2.21
CA TRP A 189 -17.72 -7.68 -3.25
C TRP A 189 -16.24 -7.78 -2.96
N SER A 190 -15.60 -6.65 -2.67
CA SER A 190 -14.16 -6.70 -2.31
C SER A 190 -13.90 -7.66 -1.15
N CYS A 191 -14.76 -7.64 -0.14
CA CYS A 191 -14.63 -8.56 0.99
C CYS A 191 -14.74 -10.01 0.52
N GLY A 192 -15.66 -10.27 -0.41
CA GLY A 192 -15.82 -11.62 -0.97
C GLY A 192 -14.60 -12.11 -1.73
N VAL A 193 -13.93 -11.20 -2.44
CA VAL A 193 -12.69 -11.54 -3.14
C VAL A 193 -11.60 -11.93 -2.11
N ILE A 194 -11.47 -11.13 -1.06
CA ILE A 194 -10.46 -11.37 -0.02
C ILE A 194 -10.72 -12.74 0.59
N LEU A 195 -11.99 -13.02 0.92
CA LEU A 195 -12.37 -14.32 1.46
C LEU A 195 -12.05 -15.50 0.52
N TYR A 196 -12.44 -15.37 -0.74
CA TYR A 196 -12.07 -16.38 -1.73
C TYR A 196 -10.58 -16.71 -1.64
N ILE A 197 -9.75 -15.67 -1.56
CA ILE A 197 -8.29 -15.84 -1.55
C ILE A 197 -7.84 -16.50 -0.25
N LEU A 198 -8.53 -16.18 0.86
CA LEU A 198 -8.22 -16.78 2.13
C LEU A 198 -8.47 -18.29 2.10
N LEU A 199 -9.51 -18.70 1.36
CA LEU A 199 -9.94 -20.09 1.30
C LEU A 199 -9.18 -20.98 0.32
N CYS A 200 -8.56 -20.41 -0.70
CA CYS A 200 -7.88 -21.25 -1.71
C CYS A 200 -6.51 -20.69 -2.10
N GLY A 201 -6.26 -19.43 -1.76
CA GLY A 201 -4.93 -18.88 -1.94
C GLY A 201 -4.62 -18.20 -3.25
N TYR A 202 -5.63 -18.04 -4.10
CA TYR A 202 -5.46 -17.31 -5.37
C TYR A 202 -6.77 -16.55 -5.69
N PRO A 203 -6.69 -15.50 -6.54
CA PRO A 203 -7.86 -14.65 -6.73
C PRO A 203 -8.93 -15.30 -7.60
N PRO A 204 -10.22 -14.96 -7.40
CA PRO A 204 -11.27 -15.55 -8.22
C PRO A 204 -11.28 -15.05 -9.68
N PHE A 205 -10.75 -13.86 -9.92
CA PHE A 205 -10.63 -13.27 -11.26
C PHE A 205 -9.17 -12.93 -11.48
N GLY A 206 -8.48 -13.77 -12.26
CA GLY A 206 -7.06 -13.63 -12.48
C GLY A 206 -6.72 -13.07 -13.85
N GLY A 207 -5.44 -13.15 -14.17
CA GLY A 207 -4.91 -12.63 -15.41
C GLY A 207 -3.49 -12.14 -15.20
N GLN A 208 -2.77 -11.97 -16.29
CA GLN A 208 -1.37 -11.50 -16.26
C GLN A 208 -1.23 -9.97 -16.22
N THR A 209 -2.26 -9.27 -16.69
CA THR A 209 -2.28 -7.80 -16.70
C THR A 209 -3.57 -7.30 -16.06
N ASP A 210 -3.57 -6.04 -15.61
CA ASP A 210 -4.80 -5.36 -15.19
C ASP A 210 -5.94 -5.50 -16.21
N GLN A 211 -5.64 -5.31 -17.50
CA GLN A 211 -6.67 -5.36 -18.53
C GLN A 211 -7.37 -6.72 -18.55
N GLU A 212 -6.57 -7.77 -18.50
CA GLU A 212 -7.05 -9.13 -18.46
C GLU A 212 -7.85 -9.39 -17.18
N ILE A 213 -7.32 -8.95 -16.04
CA ILE A 213 -8.02 -9.15 -14.77
C ILE A 213 -9.41 -8.51 -14.81
N LEU A 214 -9.45 -7.25 -15.21
CA LEU A 214 -10.70 -6.48 -15.21
C LEU A 214 -11.78 -7.03 -16.13
N LYS A 215 -11.36 -7.54 -17.30
CA LYS A 215 -12.27 -8.22 -18.23
C LYS A 215 -12.92 -9.43 -17.57
N ARG A 216 -12.15 -10.17 -16.78
CA ARG A 216 -12.74 -11.28 -16.03
C ARG A 216 -13.68 -10.78 -14.94
N VAL A 217 -13.29 -9.70 -14.27
CA VAL A 217 -14.16 -9.11 -13.24
C VAL A 217 -15.51 -8.73 -13.83
N GLU A 218 -15.51 -7.97 -14.93
CA GLU A 218 -16.76 -7.49 -15.53
CA GLU A 218 -16.76 -7.50 -15.54
C GLU A 218 -17.66 -8.61 -16.05
N LYS A 219 -17.07 -9.73 -16.47
CA LYS A 219 -17.85 -10.90 -16.89
C LYS A 219 -18.45 -11.59 -15.66
N GLY A 220 -17.73 -11.55 -14.54
CA GLY A 220 -18.31 -11.94 -13.26
C GLY A 220 -18.32 -13.40 -12.95
N LYS A 221 -17.77 -14.21 -13.86
CA LYS A 221 -17.73 -15.66 -13.66
C LYS A 221 -16.44 -16.10 -12.95
N PHE A 222 -16.62 -17.00 -12.01
CA PHE A 222 -15.55 -17.57 -11.24
C PHE A 222 -15.97 -18.98 -10.90
N SER A 223 -15.03 -19.80 -10.46
CA SER A 223 -15.38 -21.15 -10.03
C SER A 223 -14.68 -21.58 -8.76
N PHE A 224 -15.22 -22.65 -8.19
CA PHE A 224 -14.62 -23.32 -7.06
C PHE A 224 -14.01 -24.62 -7.59
N ASP A 225 -12.78 -24.53 -8.08
CA ASP A 225 -12.09 -25.65 -8.72
C ASP A 225 -11.52 -26.69 -7.75
N PRO A 226 -11.55 -27.98 -8.15
CA PRO A 226 -10.69 -29.00 -7.53
C PRO A 226 -9.23 -28.77 -7.92
N PRO A 227 -8.27 -29.17 -7.07
CA PRO A 227 -8.44 -29.85 -5.79
C PRO A 227 -8.66 -28.91 -4.60
N ASP A 228 -8.48 -27.61 -4.82
CA ASP A 228 -8.45 -26.58 -3.76
C ASP A 228 -9.75 -26.49 -2.97
N TRP A 229 -10.86 -26.50 -3.68
CA TRP A 229 -12.13 -26.21 -3.08
C TRP A 229 -12.87 -27.41 -2.58
N THR A 230 -12.36 -28.60 -2.89
CA THR A 230 -13.00 -29.87 -2.48
C THR A 230 -13.40 -29.90 -1.02
N GLN A 231 -12.42 -29.74 -0.12
CA GLN A 231 -12.62 -29.88 1.32
C GLN A 231 -13.06 -28.59 2.06
N VAL A 232 -13.37 -27.53 1.31
CA VAL A 232 -13.86 -26.28 1.93
C VAL A 232 -15.34 -26.49 2.31
N SER A 233 -15.73 -25.98 3.47
CA SER A 233 -17.12 -26.08 3.95
C SER A 233 -18.18 -25.52 2.99
N ASP A 234 -19.35 -26.15 2.97
CA ASP A 234 -20.54 -25.66 2.25
C ASP A 234 -20.93 -24.23 2.65
N GLU A 235 -20.73 -23.90 3.92
CA GLU A 235 -21.09 -22.56 4.42
C GLU A 235 -20.18 -21.48 3.82
N ALA A 236 -18.88 -21.78 3.73
CA ALA A 236 -17.92 -20.84 3.15
C ALA A 236 -18.21 -20.55 1.67
N LYS A 237 -18.44 -21.60 0.88
CA LYS A 237 -18.74 -21.42 -0.54
C LYS A 237 -20.03 -20.65 -0.76
N GLN A 238 -21.05 -20.92 0.05
CA GLN A 238 -22.31 -20.18 -0.02
C GLN A 238 -22.13 -18.70 0.28
N LEU A 239 -21.33 -18.40 1.32
CA LEU A 239 -21.03 -17.02 1.66
C LEU A 239 -20.31 -16.32 0.52
N VAL A 240 -19.28 -16.97 -0.03
CA VAL A 240 -18.54 -16.43 -1.17
C VAL A 240 -19.51 -16.10 -2.33
N LYS A 241 -20.44 -17.02 -2.61
CA LYS A 241 -21.41 -16.82 -3.68
C LYS A 241 -22.32 -15.62 -3.44
N LEU A 242 -22.75 -15.45 -2.20
CA LEU A 242 -23.59 -14.30 -1.82
C LEU A 242 -22.86 -12.96 -1.93
N MET A 243 -21.58 -12.95 -1.52
CA MET A 243 -20.77 -11.73 -1.55
C MET A 243 -20.33 -11.37 -2.96
N LEU A 244 -20.12 -12.40 -3.80
CA LEU A 244 -19.79 -12.18 -5.20
C LEU A 244 -21.01 -12.27 -6.13
N THR A 245 -22.17 -11.93 -5.60
CA THR A 245 -23.36 -11.78 -6.42
C THR A 245 -23.18 -10.57 -7.33
N TYR A 246 -23.41 -10.77 -8.63
CA TYR A 246 -23.09 -9.77 -9.63
C TYR A 246 -23.88 -8.47 -9.49
N GLU A 247 -25.21 -8.62 -9.39
CA GLU A 247 -26.15 -7.51 -9.25
C GLU A 247 -26.04 -6.94 -7.84
N PRO A 248 -25.60 -5.68 -7.71
CA PRO A 248 -25.40 -5.09 -6.38
C PRO A 248 -26.67 -5.16 -5.54
N SER A 249 -27.85 -5.00 -6.15
CA SER A 249 -29.11 -4.97 -5.39
C SER A 249 -29.45 -6.33 -4.80
N LYS A 250 -28.89 -7.39 -5.39
CA LYS A 250 -29.15 -8.74 -4.91
C LYS A 250 -28.02 -9.26 -4.01
N ARG A 251 -26.87 -8.58 -4.06
CA ARG A 251 -25.73 -8.91 -3.18
C ARG A 251 -26.09 -8.70 -1.72
N ILE A 252 -25.67 -9.62 -0.86
CA ILE A 252 -25.91 -9.44 0.57
C ILE A 252 -25.15 -8.19 1.12
N SER A 253 -25.67 -7.66 2.21
CA SER A 253 -25.09 -6.51 2.89
C SER A 253 -23.89 -6.98 3.75
N ALA A 254 -23.07 -6.04 4.17
CA ALA A 254 -21.95 -6.33 5.08
C ALA A 254 -22.45 -6.97 6.36
N GLU A 255 -23.53 -6.43 6.92
CA GLU A 255 -24.12 -6.92 8.14
C GLU A 255 -24.64 -8.36 8.03
N GLU A 256 -25.29 -8.66 6.91
CA GLU A 256 -25.79 -10.01 6.67
C GLU A 256 -24.63 -10.99 6.53
N ALA A 257 -23.57 -10.57 5.84
CA ALA A 257 -22.36 -11.38 5.73
C ALA A 257 -21.75 -11.66 7.13
N LEU A 258 -21.65 -10.61 7.94
CA LEU A 258 -21.14 -10.71 9.30
C LEU A 258 -21.86 -11.79 10.12
N ASN A 259 -23.18 -11.86 9.92
CA ASN A 259 -24.07 -12.75 10.65
C ASN A 259 -24.34 -14.04 9.88
N HIS A 260 -23.61 -14.28 8.81
CA HIS A 260 -23.80 -15.51 8.04
C HIS A 260 -23.32 -16.75 8.80
N PRO A 261 -24.08 -17.86 8.71
CA PRO A 261 -23.73 -19.15 9.35
C PRO A 261 -22.24 -19.54 9.33
N TRP A 262 -21.51 -19.25 8.25
CA TRP A 262 -20.09 -19.58 8.21
C TRP A 262 -19.30 -18.84 9.30
N ILE A 263 -19.61 -17.55 9.46
CA ILE A 263 -18.98 -16.77 10.51
C ILE A 263 -19.41 -17.26 11.88
N VAL A 264 -20.71 -17.43 12.06
CA VAL A 264 -21.24 -17.91 13.34
C VAL A 264 -20.61 -19.26 13.74
N LYS A 265 -20.63 -20.23 12.83
CA LYS A 265 -20.09 -21.56 13.10
C LYS A 265 -18.57 -21.58 13.35
N PHE A 266 -17.80 -20.93 12.48
CA PHE A 266 -16.34 -21.00 12.60
C PHE A 266 -15.69 -20.03 13.62
N CYS A 267 -16.42 -18.99 14.03
CA CYS A 267 -15.93 -18.12 15.09
C CYS A 267 -16.26 -18.63 16.50
N SER A 268 -17.17 -19.60 16.61
CA SER A 268 -17.47 -20.26 17.89
C SER A 268 -16.31 -21.12 18.40
N GLN A 269 -15.26 -21.26 17.57
CA GLN A 269 -14.06 -21.99 17.94
C GLN A 269 -12.84 -21.06 17.89
N VAL A 274 -10.21 -26.68 13.52
CA VAL A 274 -9.01 -26.65 12.69
C VAL A 274 -8.64 -28.04 12.14
N GLY A 275 -9.47 -29.03 12.49
CA GLY A 275 -9.27 -30.41 12.06
C GLY A 275 -9.86 -30.70 10.69
N LYS A 276 -11.18 -30.84 10.63
CA LYS A 276 -11.85 -31.18 9.37
C LYS A 276 -11.75 -30.07 8.31
N HIS A 277 -11.32 -28.88 8.72
CA HIS A 277 -11.28 -27.74 7.83
C HIS A 277 -9.95 -26.96 7.81
N ALA A 278 -8.83 -27.69 7.66
CA ALA A 278 -7.53 -27.06 7.45
C ALA A 278 -7.46 -26.42 6.06
N LEU A 279 -6.58 -25.44 5.89
CA LEU A 279 -6.43 -24.76 4.59
C LEU A 279 -4.98 -24.75 4.16
N THR A 280 -4.34 -25.90 4.29
CA THR A 280 -2.90 -26.04 4.08
C THR A 280 -2.49 -25.72 2.65
N GLY A 281 -3.28 -26.22 1.68
CA GLY A 281 -3.03 -25.94 0.25
C GLY A 281 -3.21 -24.46 -0.06
N ALA A 282 -4.30 -23.90 0.48
CA ALA A 282 -4.59 -22.46 0.41
C ALA A 282 -3.40 -21.63 0.90
N LEU A 283 -2.86 -22.01 2.05
CA LEU A 283 -1.72 -21.29 2.62
C LEU A 283 -0.49 -21.33 1.69
N GLY A 284 -0.21 -22.49 1.10
CA GLY A 284 0.91 -22.60 0.16
C GLY A 284 0.75 -21.69 -1.04
N ASN A 285 -0.45 -21.70 -1.63
CA ASN A 285 -0.82 -20.77 -2.69
C ASN A 285 -0.71 -19.29 -2.30
N MET A 286 -1.20 -18.95 -1.11
CA MET A 286 -1.12 -17.58 -0.59
C MET A 286 0.31 -17.12 -0.50
N LYS A 287 1.20 -17.99 0.00
CA LYS A 287 2.63 -17.66 0.05
C LYS A 287 3.19 -17.29 -1.31
N LYS A 288 2.82 -18.04 -2.35
CA LYS A 288 3.29 -17.76 -3.71
CA LYS A 288 3.28 -17.77 -3.72
C LYS A 288 2.61 -16.50 -4.25
N PHE A 289 1.30 -16.40 -4.05
CA PHE A 289 0.56 -15.22 -4.49
C PHE A 289 1.12 -13.90 -3.89
N GLN A 290 1.15 -13.83 -2.57
CA GLN A 290 1.62 -12.64 -1.85
C GLN A 290 3.09 -12.30 -2.15
N SER A 291 3.98 -13.30 -2.13
CA SER A 291 5.37 -13.00 -2.39
C SER A 291 5.59 -12.45 -3.83
N SER A 292 4.90 -13.01 -4.81
CA SER A 292 5.02 -12.50 -6.18
C SER A 292 4.44 -11.10 -6.34
N GLN A 293 3.29 -10.84 -5.70
CA GLN A 293 2.73 -9.48 -5.65
C GLN A 293 3.70 -8.47 -5.00
N LYS A 294 4.34 -8.89 -3.91
CA LYS A 294 5.23 -7.98 -3.19
CA LYS A 294 5.27 -8.03 -3.15
C LYS A 294 6.53 -7.72 -3.94
N LEU A 295 6.99 -8.71 -4.70
CA LEU A 295 8.17 -8.57 -5.54
C LEU A 295 7.91 -7.64 -6.74
N ALA A 296 6.72 -7.74 -7.34
CA ALA A 296 6.29 -6.81 -8.39
C ALA A 296 6.21 -5.37 -7.86
N GLN A 297 5.57 -5.21 -6.70
CA GLN A 297 5.51 -3.92 -6.04
C GLN A 297 6.91 -3.35 -5.76
N ALA A 298 7.79 -4.17 -5.16
CA ALA A 298 9.18 -3.75 -4.91
C ALA A 298 9.93 -3.34 -6.17
N ALA A 299 9.69 -4.07 -7.27
CA ALA A 299 10.36 -3.76 -8.53
C ALA A 299 9.86 -2.44 -9.11
N MET A 300 8.55 -2.24 -9.10
CA MET A 300 7.95 -0.97 -9.52
C MET A 300 8.48 0.22 -8.72
N LEU A 301 8.54 0.05 -7.40
CA LEU A 301 9.09 1.08 -6.50
C LEU A 301 10.56 1.36 -6.78
N PHE A 302 11.31 0.31 -7.13
CA PHE A 302 12.74 0.45 -7.38
C PHE A 302 12.99 1.22 -8.67
N MET A 303 12.25 0.87 -9.72
CA MET A 303 12.31 1.60 -10.99
C MET A 303 11.81 3.02 -10.78
N GLY A 304 10.76 3.17 -9.96
CA GLY A 304 10.24 4.49 -9.61
C GLY A 304 11.32 5.35 -8.98
N SER A 305 12.04 4.78 -8.02
CA SER A 305 13.11 5.47 -7.33
C SER A 305 14.29 5.81 -8.23
N LYS A 306 14.61 4.92 -9.17
CA LYS A 306 15.70 5.13 -10.12
C LYS A 306 15.43 6.33 -11.05
N LEU A 307 14.18 6.46 -11.51
CA LEU A 307 13.77 7.59 -12.35
C LEU A 307 13.80 8.91 -11.57
N THR A 308 13.31 8.87 -10.33
CA THR A 308 13.31 10.04 -9.46
C THR A 308 14.75 10.49 -9.16
N THR A 309 15.62 9.54 -8.90
CA THR A 309 17.03 9.79 -8.61
C THR A 309 17.74 10.46 -9.80
N LEU A 310 17.47 9.98 -11.02
CA LEU A 310 18.05 10.58 -12.22
C LEU A 310 17.53 11.99 -12.48
N GLU A 311 16.24 12.20 -12.22
CA GLU A 311 15.62 13.53 -12.34
C GLU A 311 16.21 14.52 -11.34
N GLU A 312 16.27 14.12 -10.07
CA GLU A 312 16.78 14.99 -9.01
C GLU A 312 18.28 15.25 -9.14
N THR A 313 19.00 14.30 -9.73
CA THR A 313 20.42 14.46 -10.05
C THR A 313 20.62 15.63 -10.99
N LYS A 314 19.96 15.60 -12.15
CA LYS A 314 20.04 16.66 -13.14
C LYS A 314 19.54 18.00 -12.57
N GLU A 315 18.51 17.95 -11.74
CA GLU A 315 17.94 19.15 -11.15
C GLU A 315 18.86 19.80 -10.14
N LEU A 316 19.41 19.01 -9.22
CA LEU A 316 20.34 19.51 -8.20
C LEU A 316 21.63 20.07 -8.82
N THR A 317 22.09 19.45 -9.91
CA THR A 317 23.22 19.96 -10.69
C THR A 317 22.94 21.36 -11.26
N GLN A 318 21.74 21.55 -11.80
CA GLN A 318 21.31 22.86 -12.30
C GLN A 318 21.17 23.89 -11.17
N ILE A 319 20.62 23.45 -10.04
CA ILE A 319 20.49 24.32 -8.85
C ILE A 319 21.86 24.79 -8.34
N PHE A 320 22.75 23.84 -8.07
CA PHE A 320 24.08 24.16 -7.59
C PHE A 320 24.85 25.03 -8.58
N ARG A 321 24.59 24.83 -9.87
CA ARG A 321 25.26 25.58 -10.93
C ARG A 321 24.90 27.06 -10.88
N GLN A 322 23.65 27.36 -10.55
CA GLN A 322 23.18 28.74 -10.43
C GLN A 322 23.77 29.43 -9.20
N LEU A 323 23.92 28.68 -8.11
CA LEU A 323 24.50 29.19 -6.88
C LEU A 323 26.01 29.34 -6.95
N ASP A 324 26.60 28.77 -8.00
CA ASP A 324 28.03 28.86 -8.26
C ASP A 324 28.34 30.16 -9.01
N ASN A 325 28.36 31.27 -8.27
CA ASN A 325 28.55 32.61 -8.85
C ASN A 325 29.78 32.74 -9.75
N ASN A 326 30.94 32.36 -9.23
CA ASN A 326 32.19 32.49 -10.00
C ASN A 326 32.41 31.38 -11.02
N GLY A 327 31.51 30.39 -11.01
CA GLY A 327 31.57 29.26 -11.95
C GLY A 327 32.77 28.37 -11.81
N ASP A 328 33.23 28.17 -10.57
CA ASP A 328 34.38 27.29 -10.31
C ASP A 328 33.97 25.86 -9.98
N GLY A 329 32.66 25.59 -10.00
CA GLY A 329 32.12 24.26 -9.73
C GLY A 329 32.26 23.81 -8.28
N GLN A 330 32.29 24.78 -7.36
CA GLN A 330 32.47 24.50 -5.94
C GLN A 330 31.54 25.32 -5.07
N LEU A 331 31.16 24.75 -3.92
CA LEU A 331 30.28 25.43 -2.97
C LEU A 331 30.68 25.12 -1.54
N ASP A 332 30.45 26.07 -0.64
CA ASP A 332 30.69 25.83 0.78
C ASP A 332 29.42 25.33 1.45
N ARG A 333 29.52 24.95 2.73
CA ARG A 333 28.43 24.33 3.47
C ARG A 333 27.12 25.11 3.34
N LYS A 334 27.16 26.42 3.57
CA LYS A 334 25.97 27.28 3.54
C LYS A 334 25.31 27.32 2.16
N GLU A 335 26.15 27.36 1.12
CA GLU A 335 25.67 27.32 -0.27
C GLU A 335 25.01 25.96 -0.56
N LEU A 336 25.66 24.88 -0.13
CA LEU A 336 25.14 23.52 -0.33
C LEU A 336 23.74 23.37 0.26
N ILE A 337 23.57 23.90 1.47
CA ILE A 337 22.29 23.92 2.18
C ILE A 337 21.23 24.70 1.39
N GLU A 338 21.62 25.88 0.89
CA GLU A 338 20.74 26.70 0.06
C GLU A 338 20.27 25.93 -1.17
N GLY A 339 21.19 25.17 -1.77
CA GLY A 339 20.89 24.35 -2.94
C GLY A 339 19.99 23.17 -2.62
N TYR A 340 20.23 22.56 -1.46
CA TYR A 340 19.40 21.44 -0.98
C TYR A 340 17.98 21.92 -0.71
N ARG A 341 17.85 23.08 -0.07
CA ARG A 341 16.57 23.72 0.17
C ARG A 341 15.79 23.91 -1.13
N LYS A 342 16.47 24.40 -2.16
CA LYS A 342 15.83 24.66 -3.46
C LYS A 342 15.39 23.39 -4.20
N LEU A 343 16.05 22.26 -3.92
CA LEU A 343 15.62 20.97 -4.49
C LEU A 343 14.31 20.49 -3.87
N MET A 344 14.11 20.80 -2.59
CA MET A 344 12.89 20.45 -1.90
C MET A 344 11.71 21.25 -2.46
N GLN A 345 11.95 22.54 -2.72
CA GLN A 345 10.94 23.44 -3.30
C GLN A 345 10.47 22.96 -4.68
N TRP A 346 11.36 22.28 -5.39
CA TRP A 346 11.05 21.70 -6.69
C TRP A 346 10.51 20.27 -6.55
N SER A 356 11.83 23.33 9.73
CA SER A 356 12.07 22.88 8.36
C SER A 356 13.56 22.89 8.03
N SER A 357 14.22 24.00 8.31
CA SER A 357 15.65 24.19 8.02
C SER A 357 16.56 23.32 8.90
N GLN A 358 16.08 22.99 10.11
CA GLN A 358 16.84 22.20 11.07
C GLN A 358 17.11 20.77 10.60
N ILE A 359 16.12 20.17 9.94
CA ILE A 359 16.22 18.79 9.45
C ILE A 359 17.16 18.66 8.24
N GLU A 360 17.15 19.67 7.37
CA GLU A 360 17.95 19.69 6.14
C GLU A 360 19.45 19.76 6.40
N ALA A 361 19.84 20.47 7.46
CA ALA A 361 21.26 20.62 7.83
C ALA A 361 21.88 19.30 8.27
N GLU A 362 21.05 18.44 8.85
CA GLU A 362 21.47 17.10 9.30
C GLU A 362 21.85 16.21 8.11
N VAL A 363 20.97 16.14 7.12
CA VAL A 363 21.19 15.33 5.93
C VAL A 363 22.40 15.80 5.12
N ASP A 364 22.58 17.12 5.02
CA ASP A 364 23.71 17.70 4.32
C ASP A 364 25.04 17.45 5.02
N HIS A 365 25.06 17.62 6.34
CA HIS A 365 26.24 17.35 7.16
C HIS A 365 26.62 15.87 7.11
N ILE A 366 25.62 15.00 7.31
CA ILE A 366 25.83 13.55 7.24
C ILE A 366 26.30 13.11 5.86
N LEU A 367 26.00 13.92 4.85
CA LEU A 367 26.41 13.67 3.48
C LEU A 367 27.79 14.24 3.23
N GLN A 368 28.15 15.28 3.99
CA GLN A 368 29.46 15.89 3.90
C GLN A 368 30.54 15.05 4.58
N SER A 369 30.14 13.99 5.28
CA SER A 369 31.05 13.03 5.90
C SER A 369 31.88 12.31 4.84
N VAL A 370 31.20 11.71 3.87
CA VAL A 370 31.87 11.05 2.74
C VAL A 370 32.49 12.07 1.79
N ASP A 371 31.88 13.26 1.69
CA ASP A 371 32.35 14.31 0.79
C ASP A 371 33.59 15.06 1.30
N PHE A 372 33.58 15.41 2.59
CA PHE A 372 34.70 16.10 3.27
C PHE A 372 35.18 17.37 2.55
N ARG A 374 36.65 19.67 6.79
CA ARG A 374 38.07 19.45 6.57
C ARG A 374 38.65 20.55 5.67
N ASN A 375 38.06 20.68 4.48
CA ASN A 375 38.45 21.71 3.52
C ASN A 375 37.43 22.84 3.48
N GLY A 376 36.15 22.46 3.56
CA GLY A 376 35.04 23.42 3.68
C GLY A 376 34.48 23.93 2.37
N TYR A 377 35.18 23.69 1.28
CA TYR A 377 34.81 24.20 -0.04
C TYR A 377 34.96 23.10 -1.09
N ILE A 378 33.86 22.42 -1.39
CA ILE A 378 33.92 21.19 -2.19
C ILE A 378 33.25 21.28 -3.57
N GLU A 379 33.71 20.43 -4.49
CA GLU A 379 33.09 20.31 -5.80
CA GLU A 379 33.11 20.28 -5.81
C GLU A 379 31.69 19.75 -5.67
N TYR A 380 30.70 20.58 -6.01
CA TYR A 380 29.29 20.20 -5.80
C TYR A 380 28.84 18.98 -6.62
N SER A 381 29.53 18.70 -7.73
CA SER A 381 29.22 17.51 -8.54
C SER A 381 29.48 16.23 -7.75
N GLU A 382 30.54 16.23 -6.95
CA GLU A 382 30.81 15.12 -6.03
C GLU A 382 29.70 14.96 -5.00
N PHE A 383 29.25 16.08 -4.41
CA PHE A 383 28.11 16.06 -3.48
C PHE A 383 26.90 15.43 -4.15
N VAL A 384 26.68 15.79 -5.42
CA VAL A 384 25.56 15.28 -6.19
C VAL A 384 25.62 13.75 -6.31
N THR A 385 26.75 13.22 -6.75
CA THR A 385 26.91 11.78 -6.95
C THR A 385 26.76 10.99 -5.65
N VAL A 386 27.50 11.40 -4.63
CA VAL A 386 27.46 10.74 -3.31
C VAL A 386 26.05 10.79 -2.73
N CYS A 387 25.35 11.89 -2.97
CA CYS A 387 23.98 12.07 -2.48
C CYS A 387 23.01 11.08 -3.13
N MET A 388 23.18 10.88 -4.43
CA MET A 388 22.26 10.04 -5.22
C MET A 388 22.65 8.56 -5.21
N ASP A 389 23.95 8.29 -5.10
CA ASP A 389 24.44 6.92 -4.93
C ASP A 389 23.91 6.31 -3.63
N LYS A 390 23.77 7.14 -2.61
CA LYS A 390 23.17 6.70 -1.36
C LYS A 390 21.67 6.43 -1.52
N GLN A 391 21.04 7.12 -2.47
CA GLN A 391 19.64 6.86 -2.83
C GLN A 391 19.49 5.53 -3.57
N LEU A 392 20.39 5.27 -4.50
CA LEU A 392 20.41 4.03 -5.29
C LEU A 392 20.77 2.81 -4.45
N LEU A 393 21.76 2.96 -3.56
CA LEU A 393 22.16 1.90 -2.64
C LEU A 393 21.08 1.56 -1.61
N LEU A 394 20.28 2.57 -1.23
CA LEU A 394 19.16 2.37 -0.33
C LEU A 394 18.01 1.65 -1.04
N SER A 395 17.84 1.94 -2.33
CA SER A 395 16.80 1.33 -3.16
C SER A 395 16.99 -0.17 -3.32
N ARG A 396 18.24 -0.58 -3.56
CA ARG A 396 18.61 -1.98 -3.71
C ARG A 396 18.23 -2.80 -2.49
N GLU A 397 18.61 -2.31 -1.31
CA GLU A 397 18.39 -3.05 -0.05
C GLU A 397 16.91 -3.23 0.32
N ARG A 398 16.03 -2.50 -0.37
CA ARG A 398 14.60 -2.64 -0.18
C ARG A 398 14.02 -3.65 -1.18
N LEU A 399 14.56 -3.64 -2.40
CA LEU A 399 14.22 -4.64 -3.41
C LEU A 399 14.73 -6.03 -3.00
N LEU A 400 15.94 -6.05 -2.43
CA LEU A 400 16.55 -7.27 -1.91
C LEU A 400 15.67 -7.97 -0.88
N ALA A 401 15.11 -7.22 0.07
CA ALA A 401 14.22 -7.78 1.09
C ALA A 401 13.05 -8.54 0.48
N ALA A 402 12.45 -7.97 -0.56
CA ALA A 402 11.34 -8.60 -1.26
C ALA A 402 11.79 -9.82 -2.08
N PHE A 403 12.98 -9.72 -2.65
CA PHE A 403 13.58 -10.80 -3.43
C PHE A 403 13.81 -12.03 -2.53
N GLN A 404 14.26 -11.78 -1.31
CA GLN A 404 14.53 -12.84 -0.33
C GLN A 404 13.26 -13.55 0.11
N GLN A 405 12.18 -12.80 0.33
CA GLN A 405 10.88 -13.37 0.69
CA GLN A 405 10.90 -13.40 0.70
C GLN A 405 10.31 -14.17 -0.48
N PHE A 406 10.67 -13.76 -1.69
CA PHE A 406 10.21 -14.42 -2.90
C PHE A 406 10.96 -15.71 -3.18
N ASP A 407 12.25 -15.73 -2.81
CA ASP A 407 13.14 -16.84 -3.14
C ASP A 407 12.86 -18.09 -2.27
N SER A 408 11.68 -18.68 -2.45
CA SER A 408 11.27 -19.84 -1.63
CA SER A 408 11.24 -19.85 -1.65
C SER A 408 12.06 -21.10 -1.95
N ASP A 409 12.43 -21.29 -3.20
CA ASP A 409 13.37 -22.36 -3.55
C ASP A 409 14.77 -21.85 -3.19
N GLY A 410 15.78 -22.70 -3.21
CA GLY A 410 17.08 -22.25 -2.73
C GLY A 410 17.96 -21.61 -3.78
N SER A 411 17.37 -21.31 -4.94
CA SER A 411 18.12 -20.91 -6.14
C SER A 411 18.74 -19.52 -6.08
N GLY A 412 18.06 -18.55 -5.46
CA GLY A 412 18.51 -17.16 -5.48
C GLY A 412 18.45 -16.59 -6.88
N LYS A 413 17.54 -17.15 -7.67
CA LYS A 413 17.36 -16.75 -9.06
C LYS A 413 15.88 -16.56 -9.37
N ILE A 414 15.60 -15.72 -10.35
CA ILE A 414 14.24 -15.54 -10.86
C ILE A 414 14.19 -16.00 -12.31
N THR A 415 13.22 -16.84 -12.63
CA THR A 415 13.09 -17.41 -13.97
C THR A 415 12.44 -16.40 -14.92
N ASN A 416 12.54 -16.67 -16.22
CA ASN A 416 11.95 -15.83 -17.26
C ASN A 416 10.42 -15.78 -17.17
N GLU A 417 9.83 -16.86 -16.69
CA GLU A 417 8.38 -16.95 -16.51
C GLU A 417 7.93 -16.09 -15.33
N GLU A 418 8.56 -16.28 -14.16
CA GLU A 418 8.33 -15.45 -12.99
C GLU A 418 8.60 -13.97 -13.30
N LEU A 419 9.64 -13.73 -14.10
CA LEU A 419 10.00 -12.40 -14.55
C LEU A 419 8.99 -11.83 -15.55
N GLY A 420 8.28 -12.73 -16.24
CA GLY A 420 7.18 -12.36 -17.14
C GLY A 420 5.94 -11.92 -16.37
N ARG A 421 5.62 -12.64 -15.29
CA ARG A 421 4.53 -12.25 -14.39
C ARG A 421 4.79 -10.88 -13.76
N LEU A 422 6.08 -10.58 -13.56
CA LEU A 422 6.51 -9.33 -12.93
C LEU A 422 6.39 -8.14 -13.87
N PHE A 423 7.02 -8.23 -15.04
CA PHE A 423 6.98 -7.14 -16.04
C PHE A 423 5.64 -7.02 -16.76
N GLY A 424 4.89 -8.12 -16.80
CA GLY A 424 3.55 -8.16 -17.42
C GLY A 424 2.47 -7.52 -16.56
N VAL A 425 2.77 -7.32 -15.28
CA VAL A 425 1.91 -6.56 -14.38
C VAL A 425 2.57 -5.24 -13.99
N THR A 426 3.65 -4.89 -14.69
CA THR A 426 4.44 -3.70 -14.35
C THR A 426 4.39 -2.60 -15.42
N GLU A 427 4.75 -2.94 -16.66
CA GLU A 427 4.80 -1.99 -17.77
C GLU A 427 4.40 -2.66 -19.07
N GLY A 446 17.97 -19.08 -19.25
CA GLY A 446 16.56 -19.02 -18.88
C GLY A 446 16.32 -18.62 -17.43
N GLU A 447 17.37 -18.06 -16.81
CA GLU A 447 17.32 -17.70 -15.39
C GLU A 447 18.24 -16.52 -15.11
N VAL A 448 17.94 -15.79 -14.03
CA VAL A 448 18.66 -14.57 -13.67
C VAL A 448 18.77 -14.39 -12.15
N ASP A 449 19.97 -14.06 -11.68
CA ASP A 449 20.19 -13.80 -10.25
C ASP A 449 19.84 -12.35 -9.88
N PHE A 450 19.97 -12.02 -8.60
CA PHE A 450 19.62 -10.68 -8.12
C PHE A 450 20.44 -9.57 -8.78
N GLU A 451 21.74 -9.80 -8.94
CA GLU A 451 22.63 -8.82 -9.59
C GLU A 451 22.21 -8.53 -11.02
N GLU A 452 21.92 -9.58 -11.78
CA GLU A 452 21.46 -9.43 -13.16
C GLU A 452 20.07 -8.78 -13.21
N PHE A 453 19.23 -9.11 -12.22
CA PHE A 453 17.89 -8.56 -12.10
C PHE A 453 17.90 -7.04 -11.94
N VAL A 454 18.75 -6.53 -11.05
CA VAL A 454 18.91 -5.10 -10.82
C VAL A 454 19.39 -4.39 -12.08
N GLU A 455 20.39 -4.99 -12.76
CA GLU A 455 20.93 -4.46 -14.00
C GLU A 455 19.89 -4.44 -15.12
N MET A 456 19.00 -5.43 -15.12
CA MET A 456 17.93 -5.52 -16.11
C MET A 456 16.91 -4.39 -15.95
N MET A 457 16.72 -3.94 -14.71
CA MET A 457 15.76 -2.87 -14.40
C MET A 457 16.35 -1.46 -14.52
N GLN A 458 17.63 -1.31 -14.14
CA GLN A 458 18.30 -0.01 -14.22
CA GLN A 458 18.30 -0.02 -14.21
C GLN A 458 18.59 0.41 -15.66
N LYS A 459 18.79 -0.58 -16.53
CA LYS A 459 19.02 -0.32 -17.95
C LYS A 459 17.69 -0.10 -18.68
N ILE A 460 16.60 -0.63 -18.12
CA ILE A 460 15.26 -0.39 -18.63
C ILE A 460 14.82 1.05 -18.36
N CYS A 461 15.37 1.63 -17.29
CA CYS A 461 15.16 3.04 -16.95
C CYS A 461 15.98 3.96 -17.86
N ASP A 462 16.85 3.37 -18.67
CA ASP A 462 17.65 4.11 -19.66
C ASP A 462 17.05 3.97 -21.06
N VAL A 463 16.61 2.76 -21.40
CA VAL A 463 16.05 2.46 -22.72
C VAL A 463 14.76 3.21 -22.98
#